data_8KBM
#
_entry.id   8KBM
#
_cell.length_a   88.065
_cell.length_b   89.846
_cell.length_c   63.214
_cell.angle_alpha   90.00
_cell.angle_beta   90.00
_cell.angle_gamma   90.00
#
_symmetry.space_group_name_H-M   'C 2 2 2'
#
loop_
_entity.id
_entity.type
_entity.pdbx_description
1 polymer 'Inhibitor of Type II CRISPR-Cas system'
2 non-polymer "9,9'-[(2R,3R,3aS,5S,7aR,9R,10R,10aS,12S,14aR)-3,5,10,12-tetrahydroxy-5,12-dioxidooctahydro-2H,7H-difuro[3,2-d:3',2'-j][1,3,7,9,2,8]tetraoxadiphosphacyclododecine-2,9-diyl]bis(2-amino-1,9-dihydro-6H-purin-6-one)"
3 water water
#
_entity_poly.entity_id   1
_entity_poly.type   'polypeptide(L)'
_entity_poly.pdbx_seq_one_letter_code
;S(MSE)TFGQALESLKRGHLVARKGWNGKG(MSE)FIF(MSE)RPEDSLPTN(MSE)IVNQVKSLPESFKRWVANNHGDS
ETDRIKFTAYLC(MSE)KAADGTIVNGWLASQTD(MSE)LANDWVIVE
;
_entity_poly.pdbx_strand_id   A,B
#
loop_
_chem_comp.id
_chem_comp.type
_chem_comp.name
_chem_comp.formula
C2E non-polymer 9,9'-[(2R,3R,3aS,5S,7aR,9R,10R,10aS,12S,14aR)-3,5,10,12-tetrahydroxy-5,12-dioxidooctahydro-2H,7H-difuro[3,2-d:3',2'-j][1,3,7,9,2,8]tetraoxadiphosphacyclododecine-2,9-diyl]bis(2-amino-1,9-dihydro-6H-purin-6-one) 'C20 H24 N10 O14 P2'
#
# COMPACT_ATOMS: atom_id res chain seq x y z
N SER A 1 9.16 18.88 0.52
CA SER A 1 8.67 17.58 0.04
C SER A 1 9.05 16.46 0.98
N MSE A 2 8.21 15.44 1.04
CA MSE A 2 8.45 14.35 1.96
C MSE A 2 8.41 12.99 1.28
O MSE A 2 7.79 12.84 0.23
CB MSE A 2 7.39 14.34 3.05
CG MSE A 2 7.45 15.54 3.95
SE MSE A 2 5.65 15.95 4.38
CE MSE A 2 5.66 14.78 5.84
N THR A 3 9.07 12.01 1.90
CA THR A 3 8.90 10.63 1.48
C THR A 3 7.56 10.11 2.01
N PHE A 4 7.18 8.94 1.52
CA PHE A 4 5.96 8.31 2.05
C PHE A 4 6.11 8.00 3.52
N GLY A 5 7.33 7.67 3.97
CA GLY A 5 7.51 7.39 5.37
C GLY A 5 7.27 8.60 6.25
N GLN A 6 7.73 9.77 5.80
CA GLN A 6 7.43 10.99 6.54
C GLN A 6 5.95 11.30 6.49
N ALA A 7 5.31 11.09 5.34
CA ALA A 7 3.87 11.27 5.24
C ALA A 7 3.15 10.38 6.24
N LEU A 8 3.59 9.14 6.38
CA LEU A 8 2.93 8.22 7.31
C LEU A 8 3.08 8.71 8.74
N GLU A 9 4.28 9.16 9.13
CA GLU A 9 4.44 9.65 10.50
C GLU A 9 3.56 10.88 10.75
N SER A 10 3.37 11.71 9.73
CA SER A 10 2.46 12.85 9.86
C SER A 10 1.01 12.37 10.01
N LEU A 11 0.62 11.36 9.24
CA LEU A 11 -0.73 10.81 9.32
C LEU A 11 -0.98 10.24 10.70
N LYS A 12 0.00 9.55 11.27
CA LYS A 12 -0.15 8.97 12.60
C LYS A 12 -0.40 10.04 13.64
N ARG A 13 0.10 11.26 13.40
CA ARG A 13 -0.08 12.40 14.30
C ARG A 13 -1.32 13.22 13.96
N GLY A 14 -2.19 12.72 13.08
CA GLY A 14 -3.47 13.34 12.82
C GLY A 14 -3.52 14.34 11.70
N HIS A 15 -2.48 14.42 10.87
CA HIS A 15 -2.44 15.41 9.82
C HIS A 15 -3.10 14.91 8.54
N LEU A 16 -3.38 15.85 7.65
CA LEU A 16 -3.84 15.56 6.30
C LEU A 16 -2.66 15.75 5.37
N VAL A 17 -2.44 14.79 4.47
CA VAL A 17 -1.30 14.83 3.56
C VAL A 17 -1.75 14.52 2.14
N ALA A 18 -0.88 14.84 1.18
CA ALA A 18 -1.14 14.64 -0.25
C ALA A 18 0.18 14.50 -1.00
N ARG A 19 0.09 14.05 -2.25
CA ARG A 19 1.24 14.09 -3.16
C ARG A 19 1.09 15.25 -4.12
N LYS A 20 2.19 15.98 -4.35
CA LYS A 20 2.17 17.02 -5.38
C LYS A 20 1.74 16.46 -6.72
N GLY A 21 2.15 15.24 -7.04
CA GLY A 21 1.76 14.60 -8.30
C GLY A 21 0.27 14.50 -8.52
N TRP A 22 -0.53 14.57 -7.45
CA TRP A 22 -1.98 14.57 -7.59
C TRP A 22 -2.50 15.90 -8.15
N ASN A 23 -1.68 16.95 -8.15
CA ASN A 23 -2.04 18.22 -8.77
C ASN A 23 -3.20 18.92 -8.08
N GLY A 24 -3.14 18.96 -6.75
CA GLY A 24 -4.14 19.68 -5.98
C GLY A 24 -5.51 19.01 -5.96
N LYS A 25 -6.48 19.64 -6.59
CA LYS A 25 -7.85 19.13 -6.69
C LYS A 25 -8.54 18.98 -5.34
N GLY A 26 -7.96 19.53 -4.26
CA GLY A 26 -8.54 19.35 -2.95
C GLY A 26 -8.47 17.93 -2.41
N MSE A 27 -7.65 17.07 -3.01
CA MSE A 27 -7.50 15.69 -2.52
C MSE A 27 -6.52 15.56 -1.36
O MSE A 27 -5.47 16.20 -1.35
CB MSE A 27 -6.98 14.76 -3.63
CG MSE A 27 -7.93 14.55 -4.76
SE MSE A 27 -6.96 13.94 -6.33
CE MSE A 27 -6.47 12.15 -5.71
N PHE A 28 -6.85 14.69 -0.40
CA PHE A 28 -5.89 14.42 0.66
C PHE A 28 -6.21 13.09 1.31
N ILE A 29 -5.24 12.54 2.04
CA ILE A 29 -5.49 11.32 2.80
C ILE A 29 -5.34 11.62 4.29
N PHE A 30 -5.99 10.75 5.06
CA PHE A 30 -6.01 10.90 6.50
C PHE A 30 -6.20 9.56 7.18
N MSE A 31 -5.91 9.53 8.47
CA MSE A 31 -6.04 8.31 9.25
C MSE A 31 -7.23 8.30 10.17
O MSE A 31 -7.44 9.27 10.90
CB MSE A 31 -4.78 8.05 10.07
CG MSE A 31 -4.83 6.67 10.70
SE MSE A 31 -3.18 6.50 11.74
CE MSE A 31 -4.04 7.03 13.42
N ARG A 32 -8.02 7.24 10.11
CA ARG A 32 -9.11 7.07 11.04
C ARG A 32 -8.60 6.23 12.18
N PRO A 33 -8.96 6.60 13.39
CA PRO A 33 -8.39 5.94 14.56
C PRO A 33 -8.85 4.54 14.92
N GLU A 34 -8.02 3.82 15.63
CA GLU A 34 -8.41 2.52 16.18
C GLU A 34 -9.38 2.63 17.34
N ASP A 35 -10.24 1.66 17.52
CA ASP A 35 -11.07 1.61 18.72
C ASP A 35 -11.44 0.17 19.00
N SER A 36 -11.75 -0.12 20.24
CA SER A 36 -12.22 -1.45 20.63
C SER A 36 -13.68 -1.33 21.05
N LEU A 37 -14.54 -2.11 20.43
CA LEU A 37 -15.97 -1.94 20.63
C LEU A 37 -16.55 -3.13 21.39
N PRO A 38 -17.53 -2.91 22.27
CA PRO A 38 -18.21 -4.05 22.88
C PRO A 38 -19.01 -4.84 21.87
N THR A 39 -18.98 -6.17 22.03
CA THR A 39 -19.69 -7.02 21.09
C THR A 39 -21.19 -6.81 21.15
N ASN A 40 -21.73 -6.48 22.33
CA ASN A 40 -23.17 -6.29 22.37
C ASN A 40 -23.58 -5.09 21.52
N MSE A 41 -22.76 -4.04 21.50
CA MSE A 41 -23.05 -2.87 20.69
C MSE A 41 -22.89 -3.17 19.19
O MSE A 41 -23.65 -2.68 18.34
CB MSE A 41 -22.11 -1.74 21.10
CG MSE A 41 -22.27 -0.49 20.30
SE MSE A 41 -20.76 0.63 20.71
CE MSE A 41 -20.90 1.80 19.20
N ILE A 42 -21.87 -3.97 18.87
CA ILE A 42 -21.72 -4.46 17.51
C ILE A 42 -23.01 -5.13 17.03
N VAL A 43 -23.57 -6.02 17.85
CA VAL A 43 -24.75 -6.78 17.43
C VAL A 43 -25.97 -5.88 17.37
N ASN A 44 -26.20 -5.09 18.42
CA ASN A 44 -27.49 -4.45 18.60
C ASN A 44 -27.54 -3.02 18.09
N GLN A 45 -26.40 -2.40 17.79
CA GLN A 45 -26.40 -0.99 17.41
C GLN A 45 -25.72 -0.69 16.10
N VAL A 46 -24.55 -1.28 15.83
CA VAL A 46 -23.70 -0.77 14.75
C VAL A 46 -24.40 -0.93 13.40
N LYS A 47 -24.62 0.20 12.73
CA LYS A 47 -25.26 0.22 11.42
C LYS A 47 -24.29 -0.18 10.31
N SER A 48 -23.03 0.24 10.40
CA SER A 48 -22.10 0.15 9.27
C SER A 48 -21.40 -1.21 9.18
N LEU A 49 -22.07 -2.30 9.56
CA LEU A 49 -21.54 -3.65 9.41
C LEU A 49 -22.61 -4.51 8.76
N PRO A 50 -22.23 -5.47 7.93
CA PRO A 50 -23.24 -6.31 7.28
C PRO A 50 -23.83 -7.28 8.28
N GLU A 51 -25.06 -7.73 7.96
CA GLU A 51 -25.77 -8.56 8.91
C GLU A 51 -25.04 -9.89 9.14
N SER A 52 -24.35 -10.40 8.11
CA SER A 52 -23.63 -11.66 8.27
C SER A 52 -22.55 -11.55 9.35
N PHE A 53 -21.85 -10.40 9.40
CA PHE A 53 -20.84 -10.19 10.43
C PHE A 53 -21.48 -10.05 11.81
N LYS A 54 -22.59 -9.31 11.88
CA LYS A 54 -23.28 -9.11 13.15
C LYS A 54 -23.84 -10.43 13.69
N ARG A 55 -24.35 -11.28 12.80
CA ARG A 55 -24.88 -12.58 13.22
C ARG A 55 -23.77 -13.47 13.74
N TRP A 56 -22.62 -13.42 13.09
CA TRP A 56 -21.47 -14.18 13.56
C TRP A 56 -21.06 -13.74 14.96
N VAL A 57 -20.94 -12.42 15.16
CA VAL A 57 -20.62 -11.90 16.49
C VAL A 57 -21.65 -12.35 17.51
N ALA A 58 -22.94 -12.21 17.20
CA ALA A 58 -23.99 -12.62 18.13
C ALA A 58 -23.87 -14.08 18.49
N ASN A 59 -23.55 -14.93 17.51
CA ASN A 59 -23.52 -16.36 17.80
C ASN A 59 -22.36 -16.71 18.71
N ASN A 60 -21.27 -15.94 18.63
CA ASN A 60 -20.10 -16.30 19.43
C ASN A 60 -19.96 -15.51 20.73
N HIS A 61 -20.73 -14.45 20.91
CA HIS A 61 -20.62 -13.64 22.11
C HIS A 61 -21.90 -13.50 22.90
N GLY A 62 -23.05 -13.82 22.30
CA GLY A 62 -24.31 -13.73 23.01
C GLY A 62 -24.52 -12.34 23.56
N ASP A 63 -24.94 -12.31 24.81
CA ASP A 63 -25.28 -11.08 25.52
C ASP A 63 -24.13 -10.48 26.29
N SER A 64 -22.89 -10.94 26.08
CA SER A 64 -21.75 -10.46 26.84
C SER A 64 -21.69 -8.94 26.83
N GLU A 65 -21.48 -8.37 28.01
CA GLU A 65 -21.34 -6.94 28.17
C GLU A 65 -19.88 -6.52 28.27
N THR A 66 -18.96 -7.49 28.30
CA THR A 66 -17.55 -7.23 28.49
C THR A 66 -16.69 -7.58 27.29
N ASP A 67 -17.10 -8.52 26.45
CA ASP A 67 -16.29 -8.89 25.30
C ASP A 67 -16.15 -7.69 24.38
N ARG A 68 -14.99 -7.56 23.75
CA ARG A 68 -14.69 -6.48 22.83
C ARG A 68 -14.03 -7.01 21.58
N ILE A 69 -14.14 -6.23 20.51
CA ILE A 69 -13.45 -6.52 19.25
C ILE A 69 -12.74 -5.25 18.80
N LYS A 70 -11.45 -5.37 18.47
CA LYS A 70 -10.63 -4.25 18.05
C LYS A 70 -10.81 -3.98 16.56
N PHE A 71 -11.05 -2.73 16.21
CA PHE A 71 -11.12 -2.23 14.84
C PHE A 71 -9.89 -1.35 14.64
N THR A 72 -9.02 -1.76 13.71
CA THR A 72 -7.74 -1.12 13.52
C THR A 72 -7.88 0.26 12.88
N ALA A 73 -6.87 1.09 13.10
CA ALA A 73 -6.73 2.34 12.37
C ALA A 73 -6.53 2.06 10.88
N TYR A 74 -6.89 3.02 10.07
CA TYR A 74 -6.75 2.85 8.65
C TYR A 74 -6.74 4.17 7.91
N LEU A 75 -6.20 4.14 6.72
CA LEU A 75 -6.12 5.33 5.92
C LEU A 75 -7.29 5.50 4.96
N CYS A 76 -7.65 6.75 4.74
CA CYS A 76 -8.74 7.08 3.86
C CYS A 76 -8.40 8.26 2.95
N MSE A 77 -9.10 8.36 1.86
CA MSE A 77 -8.91 9.48 0.98
C MSE A 77 -10.09 10.38 0.84
O MSE A 77 -11.19 9.87 0.68
CB MSE A 77 -8.50 8.94 -0.39
CG MSE A 77 -8.69 10.04 -1.42
SE MSE A 77 -7.90 9.63 -3.16
CE MSE A 77 -6.05 10.07 -2.69
N LYS A 78 -9.89 11.67 0.95
CA LYS A 78 -10.95 12.59 0.63
C LYS A 78 -10.68 12.88 -0.85
N ALA A 79 -11.53 12.33 -1.69
CA ALA A 79 -11.34 12.45 -3.13
C ALA A 79 -11.73 13.78 -3.73
N ALA A 80 -11.31 13.98 -4.96
CA ALA A 80 -11.56 15.25 -5.64
C ALA A 80 -13.03 15.56 -5.72
N ASP A 81 -13.83 14.51 -5.87
CA ASP A 81 -15.27 14.67 -5.96
C ASP A 81 -15.97 14.87 -4.64
N GLY A 82 -15.23 14.82 -3.55
CA GLY A 82 -15.79 15.04 -2.24
C GLY A 82 -16.12 13.80 -1.44
N THR A 83 -16.06 12.67 -2.09
CA THR A 83 -16.33 11.43 -1.40
C THR A 83 -15.19 10.96 -0.52
N ILE A 84 -15.52 10.27 0.55
CA ILE A 84 -14.49 9.67 1.37
C ILE A 84 -14.36 8.22 0.95
N VAL A 85 -13.17 7.87 0.48
CA VAL A 85 -12.84 6.49 0.12
C VAL A 85 -12.23 5.87 1.37
N ASN A 86 -12.98 4.97 1.99
CA ASN A 86 -12.46 4.23 3.13
C ASN A 86 -11.46 3.18 2.64
N GLY A 87 -10.38 3.02 3.35
CA GLY A 87 -9.41 2.03 2.95
C GLY A 87 -8.48 2.36 1.80
N TRP A 88 -7.97 3.58 1.81
CA TRP A 88 -7.03 4.00 0.80
C TRP A 88 -5.81 3.16 0.81
N LEU A 89 -5.34 2.86 -0.38
CA LEU A 89 -4.14 2.09 -0.46
C LEU A 89 -3.09 2.76 -1.27
N ALA A 90 -1.86 2.44 -0.93
CA ALA A 90 -0.74 3.06 -1.57
C ALA A 90 -0.20 2.27 -2.73
N SER A 91 -0.15 2.93 -3.86
CA SER A 91 0.42 2.33 -5.03
C SER A 91 1.94 2.26 -4.91
N GLN A 92 2.54 1.45 -5.76
CA GLN A 92 3.98 1.43 -5.79
C GLN A 92 4.52 2.84 -5.96
N THR A 93 3.89 3.61 -6.85
CA THR A 93 4.33 4.97 -7.10
C THR A 93 4.24 5.80 -5.83
N ASP A 94 3.10 5.69 -5.13
CA ASP A 94 2.89 6.42 -3.88
C ASP A 94 3.93 6.06 -2.84
N MSE A 95 4.21 4.77 -2.70
CA MSE A 95 5.15 4.33 -1.67
C MSE A 95 6.55 4.81 -1.94
O MSE A 95 7.31 5.04 -0.99
CB MSE A 95 5.19 2.82 -1.57
CG MSE A 95 3.92 2.26 -1.03
SE MSE A 95 4.11 0.39 -0.69
CE MSE A 95 4.17 -0.30 -2.49
N LEU A 96 6.94 4.89 -3.22
CA LEU A 96 8.32 5.23 -3.53
C LEU A 96 8.54 6.70 -3.81
N ALA A 97 7.47 7.51 -3.85
CA ALA A 97 7.58 8.90 -4.23
C ALA A 97 8.12 9.75 -3.09
N ASN A 98 8.75 10.87 -3.45
CA ASN A 98 9.23 11.85 -2.50
C ASN A 98 8.61 13.23 -2.74
N ASP A 99 7.37 13.24 -3.23
CA ASP A 99 6.62 14.47 -3.45
C ASP A 99 5.45 14.64 -2.47
N TRP A 100 5.49 13.98 -1.32
CA TRP A 100 4.40 14.14 -0.37
C TRP A 100 4.50 15.50 0.30
N VAL A 101 3.33 16.06 0.64
CA VAL A 101 3.26 17.35 1.32
C VAL A 101 2.21 17.31 2.41
N ILE A 102 2.36 18.20 3.36
CA ILE A 102 1.35 18.36 4.38
C ILE A 102 0.25 19.28 3.86
N VAL A 103 -0.99 18.89 4.06
CA VAL A 103 -2.15 19.70 3.66
C VAL A 103 -2.64 20.44 4.89
N GLU A 104 -2.74 19.76 6.03
CA GLU A 104 -3.09 20.39 7.30
C GLU A 104 -2.41 19.55 8.36
N SER B 1 12.25 -2.99 15.04
CA SER B 1 11.96 -1.71 15.67
C SER B 1 12.14 -0.57 14.66
N MSE B 2 11.48 -0.71 13.51
CA MSE B 2 11.61 0.22 12.41
C MSE B 2 10.18 0.50 11.87
O MSE B 2 9.36 -0.42 11.83
CB MSE B 2 12.59 -0.39 11.38
CG MSE B 2 12.84 0.33 10.08
SE MSE B 2 14.49 -0.19 9.03
CE MSE B 2 13.85 -1.87 8.30
N THR B 3 9.85 1.76 11.57
CA THR B 3 8.58 2.06 10.92
C THR B 3 8.59 1.58 9.47
N PHE B 4 7.40 1.55 8.84
CA PHE B 4 7.36 1.25 7.41
C PHE B 4 8.12 2.31 6.62
N GLY B 5 8.11 3.55 7.07
CA GLY B 5 8.86 4.56 6.34
C GLY B 5 10.34 4.29 6.35
N GLN B 6 10.87 3.85 7.49
CA GLN B 6 12.29 3.53 7.54
C GLN B 6 12.58 2.27 6.72
N ALA B 7 11.64 1.32 6.71
CA ALA B 7 11.79 0.15 5.86
C ALA B 7 11.84 0.55 4.39
N LEU B 8 11.03 1.51 3.99
CA LEU B 8 11.02 1.95 2.61
C LEU B 8 12.34 2.62 2.26
N GLU B 9 12.87 3.45 3.15
CA GLU B 9 14.17 4.06 2.87
C GLU B 9 15.26 3.00 2.74
N SER B 10 15.17 1.93 3.54
CA SER B 10 16.16 0.87 3.44
C SER B 10 15.99 0.08 2.14
N LEU B 11 14.74 -0.13 1.71
CA LEU B 11 14.44 -0.79 0.44
C LEU B 11 15.00 -0.02 -0.74
N LYS B 12 14.84 1.32 -0.71
CA LYS B 12 15.35 2.16 -1.78
C LYS B 12 16.86 2.06 -1.88
N ARG B 13 17.52 1.75 -0.78
CA ARG B 13 18.97 1.60 -0.78
C ARG B 13 19.40 0.15 -0.99
N GLY B 14 18.48 -0.70 -1.45
CA GLY B 14 18.81 -2.04 -1.90
C GLY B 14 18.75 -3.14 -0.87
N HIS B 15 18.17 -2.90 0.30
CA HIS B 15 18.14 -3.92 1.32
C HIS B 15 16.90 -4.82 1.21
N LEU B 16 16.98 -5.96 1.88
CA LEU B 16 15.86 -6.85 2.08
C LEU B 16 15.33 -6.58 3.48
N VAL B 17 14.00 -6.40 3.59
CA VAL B 17 13.39 -6.04 4.87
C VAL B 17 12.17 -6.93 5.12
N ALA B 18 11.76 -6.97 6.40
CA ALA B 18 10.64 -7.82 6.80
C ALA B 18 10.02 -7.27 8.08
N ARG B 19 8.83 -7.76 8.37
CA ARG B 19 8.27 -7.52 9.69
C ARG B 19 8.69 -8.67 10.60
N LYS B 20 8.87 -8.38 11.90
CA LYS B 20 9.41 -9.40 12.79
C LYS B 20 8.62 -10.71 12.76
N GLY B 21 7.29 -10.60 12.72
CA GLY B 21 6.46 -11.80 12.68
C GLY B 21 6.69 -12.70 11.48
N TRP B 22 7.32 -12.19 10.41
CA TRP B 22 7.60 -13.01 9.24
C TRP B 22 8.77 -13.96 9.42
N ASN B 23 9.56 -13.78 10.50
CA ASN B 23 10.81 -14.54 10.66
C ASN B 23 10.59 -16.05 10.53
N GLY B 24 9.57 -16.58 11.21
CA GLY B 24 9.32 -18.03 11.18
C GLY B 24 9.14 -18.57 9.78
N LYS B 25 8.45 -17.83 8.91
CA LYS B 25 8.26 -18.21 7.51
C LYS B 25 9.37 -17.69 6.59
N GLY B 26 10.30 -16.87 7.07
CA GLY B 26 11.40 -16.46 6.22
C GLY B 26 11.01 -15.58 5.05
N MSE B 27 9.93 -14.83 5.18
CA MSE B 27 9.50 -13.92 4.12
C MSE B 27 10.23 -12.61 4.19
O MSE B 27 10.63 -12.17 5.28
CB MSE B 27 8.02 -13.64 4.34
CG MSE B 27 7.23 -14.89 4.24
SE MSE B 27 5.54 -14.75 5.13
CE MSE B 27 4.94 -12.99 4.59
N PHE B 28 10.43 -11.97 3.04
CA PHE B 28 11.00 -10.62 3.05
C PHE B 28 10.55 -9.89 1.80
N ILE B 29 10.72 -8.57 1.80
CA ILE B 29 10.44 -7.79 0.60
C ILE B 29 11.69 -7.10 0.12
N PHE B 30 11.70 -6.77 -1.17
CA PHE B 30 12.84 -6.13 -1.82
C PHE B 30 12.33 -5.26 -2.95
N MSE B 31 13.17 -4.33 -3.40
CA MSE B 31 12.80 -3.47 -4.51
C MSE B 31 13.51 -3.84 -5.79
O MSE B 31 14.75 -3.91 -5.83
CB MSE B 31 13.14 -2.02 -4.18
CG MSE B 31 12.62 -1.07 -5.22
SE MSE B 31 13.07 0.73 -4.76
CE MSE B 31 14.86 0.65 -5.46
N ARG B 32 12.75 -4.05 -6.87
CA ARG B 32 13.33 -4.20 -8.19
C ARG B 32 13.48 -2.83 -8.85
N PRO B 33 14.62 -2.63 -9.50
CA PRO B 33 14.99 -1.29 -9.99
C PRO B 33 14.20 -0.88 -11.24
N GLU B 34 14.10 0.43 -11.40
CA GLU B 34 13.58 1.03 -12.63
C GLU B 34 14.54 0.82 -13.80
N ASP B 35 13.98 0.73 -15.02
CA ASP B 35 14.80 0.84 -16.22
C ASP B 35 13.94 1.40 -17.34
N SER B 36 14.61 1.95 -18.36
CA SER B 36 13.91 2.45 -19.53
C SER B 36 14.37 1.65 -20.74
N LEU B 37 13.40 1.11 -21.46
CA LEU B 37 13.68 0.27 -22.60
C LEU B 37 13.25 0.88 -23.92
N PRO B 38 14.04 0.65 -24.96
CA PRO B 38 13.59 1.14 -26.26
C PRO B 38 12.37 0.37 -26.76
N THR B 39 11.53 1.05 -27.51
CA THR B 39 10.30 0.42 -27.96
C THR B 39 10.50 -0.84 -28.81
N ASN B 40 11.55 -0.86 -29.63
CA ASN B 40 11.81 -2.03 -30.44
C ASN B 40 12.08 -3.25 -29.62
N MSE B 41 12.79 -3.05 -28.52
CA MSE B 41 13.06 -4.12 -27.62
C MSE B 41 11.83 -4.64 -26.96
O MSE B 41 11.68 -5.84 -26.78
CB MSE B 41 13.98 -3.56 -26.55
CG MSE B 41 14.25 -4.55 -25.45
SE MSE B 41 15.58 -3.76 -24.26
CE MSE B 41 15.76 -5.32 -23.07
N ILE B 42 10.95 -3.73 -26.59
CA ILE B 42 9.73 -4.13 -25.98
C ILE B 42 8.89 -4.98 -26.93
N VAL B 43 8.78 -4.52 -28.17
CA VAL B 43 8.00 -5.25 -29.14
C VAL B 43 8.59 -6.54 -29.61
N ASN B 44 9.89 -6.52 -29.90
CA ASN B 44 10.53 -7.67 -30.49
C ASN B 44 11.40 -8.58 -29.62
N GLN B 45 11.73 -8.11 -28.43
CA GLN B 45 12.62 -8.89 -27.58
C GLN B 45 12.01 -9.36 -26.26
N VAL B 46 11.30 -8.50 -25.55
CA VAL B 46 10.94 -8.80 -24.17
C VAL B 46 9.95 -9.96 -24.10
N LYS B 47 10.34 -11.03 -23.41
CA LYS B 47 9.48 -12.21 -23.29
C LYS B 47 8.35 -11.99 -22.28
N SER B 48 8.65 -11.30 -21.17
CA SER B 48 7.76 -11.25 -20.00
C SER B 48 6.67 -10.18 -20.09
N LEU B 49 6.11 -9.96 -21.28
CA LEU B 49 4.99 -9.08 -21.52
C LEU B 49 3.97 -9.81 -22.36
N PRO B 50 2.68 -9.53 -22.17
CA PRO B 50 1.67 -10.21 -22.99
C PRO B 50 1.66 -9.65 -24.41
N GLU B 51 1.22 -10.51 -25.33
CA GLU B 51 1.20 -10.15 -26.74
C GLU B 51 0.41 -8.89 -27.00
N SER B 52 -0.72 -8.71 -26.29
CA SER B 52 -1.54 -7.53 -26.54
C SER B 52 -0.79 -6.25 -26.19
N PHE B 53 0.04 -6.28 -25.14
CA PHE B 53 0.79 -5.08 -24.79
C PHE B 53 1.90 -4.78 -25.80
N LYS B 54 2.61 -5.82 -26.23
CA LYS B 54 3.64 -5.65 -27.25
C LYS B 54 3.02 -5.09 -28.53
N ARG B 55 1.84 -5.57 -28.86
CA ARG B 55 1.13 -5.13 -30.04
C ARG B 55 0.66 -3.67 -29.88
N TRP B 56 0.19 -3.30 -28.70
CA TRP B 56 -0.17 -1.92 -28.45
C TRP B 56 1.02 -0.98 -28.62
N VAL B 57 2.15 -1.36 -28.08
CA VAL B 57 3.34 -0.53 -28.20
C VAL B 57 3.76 -0.37 -29.65
N ALA B 58 3.71 -1.47 -30.40
CA ALA B 58 4.09 -1.43 -31.80
C ALA B 58 3.23 -0.48 -32.60
N ASN B 59 1.96 -0.41 -32.25
CA ASN B 59 1.04 0.44 -32.99
C ASN B 59 0.78 1.83 -32.41
N ASN B 60 1.39 2.12 -31.28
CA ASN B 60 1.17 3.40 -30.65
C ASN B 60 2.51 4.00 -30.39
N HIS B 61 3.56 3.42 -30.96
CA HIS B 61 4.93 3.93 -30.83
C HIS B 61 5.59 3.38 -32.04
N GLY B 62 5.95 4.22 -32.97
CA GLY B 62 6.71 3.73 -34.08
C GLY B 62 8.04 3.55 -33.41
N ASP B 63 8.80 2.55 -33.80
CA ASP B 63 10.15 2.45 -33.24
C ASP B 63 11.04 3.40 -34.05
N SER B 64 10.52 3.97 -35.14
CA SER B 64 11.30 4.99 -35.87
C SER B 64 11.53 6.23 -35.00
N GLU B 65 10.55 6.61 -34.18
CA GLU B 65 10.80 7.69 -33.25
C GLU B 65 11.79 7.09 -32.28
N THR B 66 12.69 7.88 -31.76
CA THR B 66 13.54 7.26 -30.80
C THR B 66 12.87 7.52 -29.47
N ASP B 67 12.12 6.55 -28.99
CA ASP B 67 11.44 6.68 -27.74
C ASP B 67 11.74 5.49 -26.87
N ARG B 68 11.79 5.72 -25.58
CA ARG B 68 12.00 4.63 -24.65
C ARG B 68 10.84 4.64 -23.68
N ILE B 69 10.55 3.50 -23.12
CA ILE B 69 9.48 3.43 -22.16
C ILE B 69 10.04 3.05 -20.80
N LYS B 70 9.68 3.84 -19.82
CA LYS B 70 10.10 3.57 -18.46
C LYS B 70 9.27 2.53 -17.73
N PHE B 71 9.94 1.55 -17.20
CA PHE B 71 9.34 0.56 -16.32
C PHE B 71 9.78 0.89 -14.90
N THR B 72 8.79 1.23 -14.07
CA THR B 72 9.05 1.78 -12.75
C THR B 72 9.60 0.72 -11.79
N ALA B 73 10.31 1.20 -10.78
CA ALA B 73 10.71 0.36 -9.67
C ALA B 73 9.47 -0.12 -8.92
N TYR B 74 9.60 -1.25 -8.25
CA TYR B 74 8.46 -1.81 -7.53
C TYR B 74 8.92 -2.81 -6.48
N LEU B 75 8.08 -3.04 -5.50
CA LEU B 75 8.37 -3.94 -4.43
C LEU B 75 7.90 -5.37 -4.71
N CYS B 76 8.65 -6.33 -4.20
CA CYS B 76 8.33 -7.71 -4.38
C CYS B 76 8.54 -8.46 -3.09
N MSE B 77 7.88 -9.59 -2.95
CA MSE B 77 8.07 -10.41 -1.79
C MSE B 77 8.62 -11.79 -2.07
O MSE B 77 8.16 -12.43 -3.00
CB MSE B 77 6.74 -10.61 -1.06
CG MSE B 77 6.89 -11.59 0.09
SE MSE B 77 5.23 -11.78 1.06
CE MSE B 77 5.68 -10.42 2.39
N LYS B 78 9.60 -12.22 -1.29
CA LYS B 78 10.03 -13.59 -1.36
C LYS B 78 9.14 -14.27 -0.35
N ALA B 79 8.20 -15.04 -0.85
CA ALA B 79 7.22 -15.68 0.00
C ALA B 79 7.69 -16.87 0.82
N ALA B 80 6.84 -17.27 1.74
CA ALA B 80 7.16 -18.36 2.63
C ALA B 80 7.42 -19.61 1.85
N ASP B 81 6.62 -19.80 0.80
CA ASP B 81 6.80 -20.92 -0.10
C ASP B 81 7.97 -20.80 -1.04
N GLY B 82 8.68 -19.68 -1.02
CA GLY B 82 9.86 -19.50 -1.83
C GLY B 82 9.61 -18.80 -3.17
N THR B 83 8.36 -18.58 -3.48
CA THR B 83 8.06 -17.89 -4.69
C THR B 83 8.29 -16.39 -4.60
N ILE B 84 8.51 -15.77 -5.73
CA ILE B 84 8.65 -14.32 -5.77
C ILE B 84 7.34 -13.73 -6.23
N VAL B 85 6.69 -13.00 -5.34
CA VAL B 85 5.45 -12.30 -5.64
C VAL B 85 5.86 -10.94 -6.18
N ASN B 86 5.67 -10.75 -7.46
CA ASN B 86 5.94 -9.48 -8.06
C ASN B 86 4.81 -8.52 -7.67
N GLY B 87 5.13 -7.28 -7.37
CA GLY B 87 4.11 -6.33 -7.00
C GLY B 87 3.48 -6.42 -5.62
N TRP B 88 4.33 -6.60 -4.65
CA TRP B 88 3.87 -6.63 -3.29
C TRP B 88 3.19 -5.37 -2.87
N LEU B 89 2.15 -5.54 -2.11
CA LEU B 89 1.47 -4.40 -1.62
C LEU B 89 1.36 -4.38 -0.11
N ALA B 90 1.30 -3.19 0.42
CA ALA B 90 1.25 -3.02 1.86
C ALA B 90 -0.15 -2.89 2.42
N SER B 91 -0.44 -3.74 3.36
CA SER B 91 -1.71 -3.67 4.04
C SER B 91 -1.72 -2.47 4.99
N GLN B 92 -2.90 -2.09 5.43
CA GLN B 92 -2.98 -1.01 6.41
C GLN B 92 -2.10 -1.34 7.61
N THR B 93 -2.16 -2.60 8.03
CA THR B 93 -1.37 -3.04 9.18
C THR B 93 0.12 -2.86 8.91
N ASP B 94 0.58 -3.28 7.72
CA ASP B 94 1.98 -3.19 7.35
C ASP B 94 2.44 -1.73 7.35
N MSE B 95 1.60 -0.85 6.82
CA MSE B 95 1.95 0.54 6.65
C MSE B 95 2.07 1.21 8.02
O MSE B 95 2.89 2.09 8.18
CB MSE B 95 0.85 1.22 5.86
CG MSE B 95 0.97 0.96 4.39
SE MSE B 95 -0.11 2.19 3.39
CE MSE B 95 -1.88 1.56 3.80
N LEU B 96 1.22 0.81 8.97
CA LEU B 96 1.21 1.48 10.26
C LEU B 96 2.06 0.79 11.32
N ALA B 97 2.68 -0.34 11.00
CA ALA B 97 3.42 -1.09 12.02
C ALA B 97 4.81 -0.52 12.24
N ASN B 98 5.36 -0.80 13.42
CA ASN B 98 6.72 -0.34 13.74
C ASN B 98 7.62 -1.50 14.14
N ASP B 99 7.38 -2.68 13.56
CA ASP B 99 8.14 -3.89 13.83
C ASP B 99 8.94 -4.35 12.61
N TRP B 100 9.27 -3.44 11.71
CA TRP B 100 10.07 -3.80 10.54
C TRP B 100 11.53 -4.00 10.93
N VAL B 101 12.22 -4.89 10.19
CA VAL B 101 13.62 -5.18 10.45
C VAL B 101 14.36 -5.35 9.13
N ILE B 102 15.66 -5.13 9.16
CA ILE B 102 16.50 -5.40 8.01
C ILE B 102 16.92 -6.86 8.01
N VAL B 103 16.73 -7.56 6.91
CA VAL B 103 17.18 -8.94 6.77
C VAL B 103 18.58 -8.95 6.20
N GLU B 104 18.84 -8.11 5.22
CA GLU B 104 20.17 -7.97 4.67
C GLU B 104 20.26 -6.61 4.01
P1 C2E C . -22.43 2.95 13.60
O2P C2E C . -22.08 2.32 12.31
O1P C2E C . -23.62 2.43 14.33
O5' C2E C . -21.16 2.92 14.55
C5' C2E C . -21.37 3.37 15.89
C4' C2E C . -20.04 3.73 16.49
O4' C2E C . -19.19 2.55 16.55
C3' C2E C . -19.21 4.73 15.70
O3' C2E C . -19.66 6.03 15.98
C2' C2E C . -17.83 4.48 16.29
O2' C2E C . -17.72 5.07 17.57
C1' C2E C . -17.84 2.96 16.43
N9 C2E C . -17.24 2.25 15.30
C8 C2E C . -17.84 1.39 14.43
N7 C2E C . -17.03 0.89 13.53
C5 C2E C . -15.80 1.46 13.84
C6 C2E C . -14.53 1.31 13.21
O6 C2E C . -14.25 0.61 12.24
N1 C2E C . -13.56 2.06 13.85
C2 C2E C . -13.76 2.88 14.93
N2 C2E C . -12.70 3.54 15.39
N3 C2E C . -14.94 3.03 15.52
C4 C2E C . -15.91 2.30 14.93
P11 C2E C . -19.11 7.27 15.12
O21 C2E C . -17.71 7.09 14.63
O11 C2E C . -19.41 8.52 15.85
O5A C2E C . -20.06 7.14 13.83
C5A C2E C . -21.47 7.39 13.99
C4A C2E C . -22.21 6.79 12.82
O4A C2E C . -21.81 7.42 11.59
C3A C2E C . -21.92 5.32 12.58
O3A C2E C . -22.68 4.53 13.48
C2A C2E C . -22.41 5.17 11.14
O2A C2E C . -23.81 5.10 11.06
C1A C2E C . -21.91 6.47 10.53
N91 C2E C . -20.61 6.37 9.87
C81 C2E C . -19.45 6.99 10.21
N71 C2E C . -18.44 6.71 9.41
C51 C2E C . -18.99 5.84 8.48
C61 C2E C . -18.40 5.20 7.37
O61 C2E C . -17.23 5.28 6.98
N11 C2E C . -19.31 4.39 6.69
C21 C2E C . -20.62 4.24 7.03
N21 C2E C . -21.35 3.42 6.26
N31 C2E C . -21.19 4.84 8.07
C41 C2E C . -20.32 5.62 8.74
P1 C2E D . 12.76 -10.55 -20.88
O2P C2E D . 11.36 -10.64 -20.38
O1P C2E D . 12.98 -10.72 -22.35
O5' C2E D . 13.33 -9.13 -20.45
C5' C2E D . 14.57 -8.75 -21.05
C4' C2E D . 15.17 -7.64 -20.24
O4' C2E D . 14.32 -6.48 -20.30
C3' C2E D . 15.30 -7.94 -18.75
O3' C2E D . 16.46 -8.71 -18.49
C2' C2E D . 15.46 -6.53 -18.21
O2' C2E D . 16.77 -6.07 -18.46
C1' C2E D . 14.47 -5.75 -19.08
N9 C2E D . 13.15 -5.56 -18.48
C8 C2E D . 11.95 -6.05 -18.93
N7 C2E D . 10.93 -5.70 -18.18
C5 C2E D . 11.50 -4.95 -17.17
C6 C2E D . 10.90 -4.31 -16.06
O6 C2E D . 9.71 -4.28 -15.75
N1 C2E D . 11.85 -3.66 -15.28
C2 C2E D . 13.20 -3.61 -15.53
N2 C2E D . 13.95 -2.93 -14.65
N3 C2E D . 13.77 -4.20 -16.56
C4 C2E D . 12.87 -4.84 -17.34
P11 C2E D . 16.70 -9.39 -17.06
O21 C2E D . 16.21 -8.57 -15.92
O11 C2E D . 18.11 -9.87 -16.98
O5A C2E D . 15.73 -10.66 -17.15
C5A C2E D . 16.08 -11.72 -18.05
C4A C2E D . 14.87 -12.60 -18.30
O4A C2E D . 14.46 -13.24 -17.08
C3A C2E D . 13.63 -11.85 -18.76
O3A C2E D . 13.74 -11.57 -20.14
C2A C2E D . 12.56 -12.89 -18.46
O2A C2E D . 12.57 -13.91 -19.44
C1A C2E D . 13.05 -13.44 -17.13
N91 C2E D . 12.45 -12.82 -15.95
C81 C2E D . 13.10 -12.11 -14.97
N71 C2E D . 12.30 -11.68 -14.02
C51 C2E D . 11.04 -12.14 -14.41
C61 C2E D . 9.78 -11.97 -13.77
O61 C2E D . 9.53 -11.38 -12.73
N11 C2E D . 8.77 -12.59 -14.50
C21 C2E D . 8.94 -13.28 -15.67
N21 C2E D . 7.85 -13.81 -16.23
N31 C2E D . 10.12 -13.44 -16.27
C41 C2E D . 11.12 -12.84 -15.59
#